data_3UWD
#
_entry.id   3UWD
#
_cell.length_a   119.687
_cell.length_b   45.334
_cell.length_c   68.607
_cell.angle_alpha   90.00
_cell.angle_beta   97.95
_cell.angle_gamma   90.00
#
_symmetry.space_group_name_H-M   'C 1 2 1'
#
loop_
_entity.id
_entity.type
_entity.pdbx_description
1 polymer 'Phosphoglycerate kinase'
2 non-polymer 'CHLORIDE ION'
3 non-polymer 'MAGNESIUM ION'
4 non-polymer 2-[BIS-(2-HYDROXY-ETHYL)-AMINO]-2-HYDROXYMETHYL-PROPANE-1,3-DIOL
5 non-polymer 'UNKNOWN LIGAND'
6 water water
#
_entity_poly.entity_id   1
_entity_poly.type   'polypeptide(L)'
_entity_poly.pdbx_seq_one_letter_code
;(MSE)NKKSIRDVDLKGKRVFCRVDFNVP(MSE)KEGKITDETRIRAALPTIQYLVEQGAKVILASHLGRPKGQAVEELR
LTPVAARLGELLGKDVKKADEAFGPVAQE(MSE)VAA(MSE)NEGDVLVLENVRFYAGEEKNDAELAKEFAALADIFVND
AFGAAHRAHASTAGIADYLPAVSGLL(MSE)EKELEVLGKALSNPERPFAAIIGGAKVKDKIGLIRHLLDKVDNLIIGGG
LAYTFVKALGHEIGLSLCEDDKIELAKEF(MSE)QLAKEKGVNFY(MSE)PVDVVITEEFSETATTKIVGIDSIPSNWEG
VDIGPKTREIYADVIKNSKLVVWNGP(MSE)GVFE(MSE)TPFAEGTKAVGQALADAEGTYSVIGGGDSAAAVEKFG
(MSE)ADK(MSE)SHISTGGGASLEF(MSE)EGKELPGVVCLNDK
;
_entity_poly.pdbx_strand_id   A
#
# COMPACT_ATOMS: atom_id res chain seq x y z
N ASN A 2 -1.77 -18.99 4.44
CA ASN A 2 -1.10 -19.68 3.37
C ASN A 2 -2.07 -19.95 2.22
N LYS A 3 -2.14 -19.00 1.28
CA LYS A 3 -3.13 -19.00 0.23
C LYS A 3 -2.58 -19.56 -1.08
N LYS A 4 -3.42 -20.33 -1.75
CA LYS A 4 -3.13 -20.86 -3.09
C LYS A 4 -2.92 -19.69 -4.06
N SER A 5 -2.03 -19.87 -5.02
CA SER A 5 -1.87 -18.92 -6.10
C SER A 5 -2.12 -19.59 -7.43
N ILE A 6 -2.00 -18.80 -8.49
CA ILE A 6 -2.09 -19.36 -9.85
C ILE A 6 -0.99 -20.39 -10.17
N ARG A 7 0.10 -20.38 -9.41
CA ARG A 7 1.11 -21.44 -9.50
C ARG A 7 0.56 -22.81 -9.04
N ASP A 8 -0.50 -22.81 -8.24
CA ASP A 8 -0.96 -24.04 -7.58
C ASP A 8 -2.17 -24.70 -8.23
N VAL A 9 -2.62 -24.19 -9.37
CA VAL A 9 -3.85 -24.68 -10.02
C VAL A 9 -3.68 -24.87 -11.53
N ASP A 10 -4.37 -25.88 -12.08
CA ASP A 10 -4.36 -26.19 -13.52
C ASP A 10 -5.24 -25.19 -14.27
N LEU A 11 -4.62 -24.34 -15.10
CA LEU A 11 -5.29 -23.19 -15.74
C LEU A 11 -5.66 -23.39 -17.23
N LYS A 12 -5.00 -24.32 -17.91
CA LYS A 12 -5.22 -24.51 -19.35
C LYS A 12 -6.72 -24.61 -19.64
N GLY A 13 -7.21 -23.71 -20.46
CA GLY A 13 -8.60 -23.74 -20.93
C GLY A 13 -9.61 -23.07 -20.03
N LYS A 14 -9.17 -22.66 -18.84
CA LYS A 14 -10.04 -22.08 -17.85
C LYS A 14 -10.29 -20.63 -18.16
N ARG A 15 -11.53 -20.21 -18.01
CA ARG A 15 -11.84 -18.79 -17.98
C ARG A 15 -11.46 -18.27 -16.59
N VAL A 16 -10.51 -17.34 -16.58
CA VAL A 16 -10.02 -16.74 -15.34
C VAL A 16 -10.44 -15.29 -15.19
N PHE A 17 -11.27 -14.97 -14.19
CA PHE A 17 -11.64 -13.60 -13.85
C PHE A 17 -10.52 -13.12 -12.94
N CYS A 18 -9.65 -12.26 -13.46
CA CYS A 18 -8.42 -11.78 -12.80
C CYS A 18 -8.60 -10.31 -12.45
N ARG A 19 -8.74 -10.04 -11.16
CA ARG A 19 -8.88 -8.68 -10.60
C ARG A 19 -7.50 -8.06 -10.49
N VAL A 20 -7.27 -7.00 -11.23
CA VAL A 20 -6.00 -6.27 -11.24
C VAL A 20 -6.21 -4.80 -10.84
N ASP A 21 -5.09 -4.11 -10.61
CA ASP A 21 -5.10 -2.68 -10.37
C ASP A 21 -4.60 -1.96 -11.61
N PHE A 22 -5.54 -1.52 -12.45
CA PHE A 22 -5.22 -0.68 -13.58
C PHE A 22 -5.71 0.75 -13.32
N ASN A 23 -5.80 1.16 -12.05
CA ASN A 23 -6.22 2.54 -11.72
C ASN A 23 -5.08 3.51 -12.00
N VAL A 24 -4.82 3.75 -13.28
CA VAL A 24 -3.72 4.61 -13.68
C VAL A 24 -4.18 6.07 -13.63
N PRO A 25 -3.27 6.99 -13.28
CA PRO A 25 -3.66 8.39 -13.37
C PRO A 25 -3.80 8.81 -14.84
N GLY A 29 -6.46 13.43 -19.66
CA GLY A 29 -7.04 12.95 -20.92
C GLY A 29 -6.61 11.53 -21.24
N LYS A 30 -5.33 11.36 -21.52
CA LYS A 30 -4.72 10.05 -21.78
C LYS A 30 -3.94 9.57 -20.54
N ILE A 31 -3.45 8.33 -20.59
CA ILE A 31 -2.71 7.72 -19.46
C ILE A 31 -1.38 8.43 -19.21
N THR A 32 -1.12 8.81 -17.95
CA THR A 32 0.09 9.55 -17.58
C THR A 32 1.07 8.83 -16.63
N ASP A 33 0.68 7.65 -16.12
CA ASP A 33 1.60 6.78 -15.39
C ASP A 33 1.18 5.32 -15.62
N GLU A 34 2.17 4.54 -16.05
CA GLU A 34 1.98 3.25 -16.69
C GLU A 34 2.33 2.09 -15.76
N THR A 35 2.95 2.42 -14.62
CA THR A 35 3.61 1.40 -13.80
C THR A 35 2.67 0.30 -13.32
N ARG A 36 1.48 0.68 -12.87
CA ARG A 36 0.42 -0.30 -12.51
C ARG A 36 0.15 -1.34 -13.62
N ILE A 37 0.12 -0.90 -14.87
CA ILE A 37 -0.08 -1.83 -16.00
C ILE A 37 1.15 -2.75 -16.10
N ARG A 38 2.35 -2.19 -15.98
CA ARG A 38 3.58 -2.98 -15.96
C ARG A 38 3.62 -3.97 -14.83
N ALA A 39 3.18 -3.53 -13.65
CA ALA A 39 3.20 -4.33 -12.43
C ALA A 39 2.42 -5.61 -12.67
N ALA A 40 1.31 -5.47 -13.39
CA ALA A 40 0.38 -6.57 -13.72
C ALA A 40 0.89 -7.58 -14.74
N LEU A 41 1.93 -7.24 -15.50
CA LEU A 41 2.34 -8.07 -16.65
C LEU A 41 2.76 -9.53 -16.34
N PRO A 42 3.58 -9.73 -15.30
CA PRO A 42 4.01 -11.10 -14.99
C PRO A 42 2.85 -12.05 -14.74
N THR A 43 1.84 -11.57 -14.01
CA THR A 43 0.65 -12.36 -13.77
C THR A 43 -0.10 -12.72 -15.07
N ILE A 44 -0.35 -11.72 -15.90
CA ILE A 44 -1.11 -11.86 -17.14
C ILE A 44 -0.39 -12.81 -18.06
N GLN A 45 0.93 -12.64 -18.16
CA GLN A 45 1.77 -13.49 -18.99
C GLN A 45 1.81 -14.93 -18.55
N TYR A 46 1.89 -15.12 -17.24
CA TYR A 46 1.93 -16.45 -16.67
C TYR A 46 0.64 -17.19 -17.06
N LEU A 47 -0.50 -16.49 -16.92
CA LEU A 47 -1.82 -17.05 -17.29
C LEU A 47 -1.93 -17.36 -18.79
N VAL A 48 -1.44 -16.43 -19.61
CA VAL A 48 -1.44 -16.62 -21.07
C VAL A 48 -0.62 -17.87 -21.44
N GLU A 49 0.58 -18.00 -20.86
CA GLU A 49 1.43 -19.18 -21.13
C GLU A 49 0.77 -20.48 -20.74
N GLN A 50 -0.05 -20.48 -19.69
CA GLN A 50 -0.73 -21.71 -19.27
C GLN A 50 -1.95 -22.01 -20.15
N GLY A 51 -2.29 -21.08 -21.04
CA GLY A 51 -3.43 -21.24 -21.93
C GLY A 51 -4.74 -20.97 -21.24
N ALA A 52 -4.73 -20.05 -20.26
CA ALA A 52 -5.97 -19.59 -19.64
C ALA A 52 -6.65 -18.58 -20.56
N LYS A 53 -7.96 -18.42 -20.37
CA LYS A 53 -8.67 -17.34 -21.03
C LYS A 53 -8.69 -16.22 -20.00
N VAL A 54 -7.88 -15.20 -20.22
CA VAL A 54 -7.63 -14.20 -19.20
C VAL A 54 -8.59 -13.03 -19.28
N ILE A 55 -9.43 -12.90 -18.26
CA ILE A 55 -10.47 -11.88 -18.26
C ILE A 55 -10.10 -10.91 -17.14
N LEU A 56 -9.71 -9.67 -17.52
CA LEU A 56 -9.16 -8.70 -16.58
C LEU A 56 -10.20 -7.69 -16.14
N ALA A 57 -10.30 -7.53 -14.82
CA ALA A 57 -11.18 -6.59 -14.20
C ALA A 57 -10.38 -5.57 -13.36
N SER A 58 -10.70 -4.29 -13.53
CA SER A 58 -10.12 -3.22 -12.71
C SER A 58 -11.11 -2.06 -12.52
N HIS A 59 -10.84 -1.27 -11.47
CA HIS A 59 -11.42 0.06 -11.26
C HIS A 59 -10.56 1.09 -11.92
N LEU A 60 -11.14 2.27 -12.13
CA LEU A 60 -10.42 3.42 -12.64
C LEU A 60 -11.14 4.70 -12.21
N GLY A 61 -10.48 5.52 -11.38
CA GLY A 61 -11.05 6.77 -10.91
C GLY A 61 -12.30 6.53 -10.09
N ARG A 62 -13.17 7.52 -10.05
CA ARG A 62 -14.36 7.50 -9.20
C ARG A 62 -15.63 7.84 -9.97
N PRO A 63 -16.17 6.87 -10.74
CA PRO A 63 -17.44 7.05 -11.44
C PRO A 63 -18.69 6.99 -10.56
N LYS A 64 -18.55 6.52 -9.31
CA LYS A 64 -19.66 6.49 -8.35
C LYS A 64 -20.94 5.81 -8.88
N GLY A 65 -20.80 4.72 -9.63
CA GLY A 65 -21.95 3.85 -9.94
C GLY A 65 -22.67 4.08 -11.26
N GLN A 66 -22.05 4.85 -12.14
CA GLN A 66 -22.58 4.94 -13.49
C GLN A 66 -21.46 5.03 -14.50
N ALA A 67 -21.81 4.66 -15.74
CA ALA A 67 -20.88 4.72 -16.85
C ALA A 67 -20.60 6.17 -17.12
N VAL A 68 -19.38 6.58 -16.81
CA VAL A 68 -18.85 7.88 -17.21
C VAL A 68 -17.94 7.55 -18.40
N GLU A 69 -17.97 8.38 -19.43
CA GLU A 69 -17.33 8.02 -20.70
C GLU A 69 -15.80 8.21 -20.71
N GLU A 70 -15.30 9.14 -19.91
CA GLU A 70 -13.86 9.41 -19.81
C GLU A 70 -13.16 8.52 -18.76
N LEU A 71 -13.92 7.70 -18.05
CA LEU A 71 -13.31 6.72 -17.13
C LEU A 71 -13.47 5.27 -17.61
N ARG A 72 -13.79 5.08 -18.90
CA ARG A 72 -13.78 3.75 -19.52
C ARG A 72 -12.34 3.23 -19.56
N LEU A 73 -12.18 1.91 -19.53
CA LEU A 73 -10.85 1.27 -19.53
C LEU A 73 -10.26 1.10 -20.93
N THR A 74 -10.85 1.75 -21.94
CA THR A 74 -10.46 1.52 -23.34
C THR A 74 -8.96 1.84 -23.59
N PRO A 75 -8.46 3.00 -23.13
CA PRO A 75 -7.04 3.31 -23.40
C PRO A 75 -6.09 2.42 -22.62
N VAL A 76 -6.48 1.97 -21.43
CA VAL A 76 -5.68 1.03 -20.64
C VAL A 76 -5.54 -0.30 -21.39
N ALA A 77 -6.63 -0.77 -22.00
CA ALA A 77 -6.62 -1.98 -22.82
C ALA A 77 -5.70 -1.81 -24.05
N ALA A 78 -5.76 -0.63 -24.67
CA ALA A 78 -4.86 -0.30 -25.80
C ALA A 78 -3.40 -0.35 -25.37
N ARG A 79 -3.09 0.25 -24.21
CA ARG A 79 -1.71 0.26 -23.70
C ARG A 79 -1.21 -1.12 -23.30
N LEU A 80 -2.09 -1.89 -22.66
CA LEU A 80 -1.76 -3.26 -22.26
C LEU A 80 -1.38 -4.09 -23.50
N GLY A 81 -2.17 -3.95 -24.56
CA GLY A 81 -1.89 -4.58 -25.84
C GLY A 81 -0.49 -4.28 -26.35
N GLU A 82 -0.07 -3.03 -26.24
CA GLU A 82 1.27 -2.63 -26.70
C GLU A 82 2.35 -3.36 -25.89
N LEU A 83 2.20 -3.35 -24.57
CA LEU A 83 3.17 -3.96 -23.64
C LEU A 83 3.28 -5.48 -23.78
N LEU A 84 2.17 -6.18 -24.03
CA LEU A 84 2.20 -7.63 -24.20
C LEU A 84 2.64 -8.04 -25.59
N GLY A 85 2.54 -7.11 -26.54
CA GLY A 85 2.58 -7.44 -27.98
C GLY A 85 1.46 -8.38 -28.38
N LYS A 86 0.24 -8.09 -27.93
CA LYS A 86 -0.92 -8.97 -28.19
C LYS A 86 -2.15 -8.14 -28.52
N ASP A 87 -3.01 -8.68 -29.36
CA ASP A 87 -4.30 -8.05 -29.62
C ASP A 87 -5.16 -8.28 -28.38
N VAL A 88 -5.16 -7.30 -27.48
CA VAL A 88 -6.03 -7.35 -26.32
C VAL A 88 -7.43 -6.82 -26.69
N LYS A 89 -8.46 -7.61 -26.37
CA LYS A 89 -9.84 -7.20 -26.59
C LYS A 89 -10.39 -6.49 -25.37
N LYS A 90 -11.37 -5.64 -25.60
CA LYS A 90 -11.95 -4.84 -24.55
C LYS A 90 -13.48 -4.81 -24.69
N ALA A 91 -14.14 -5.10 -23.57
CA ALA A 91 -15.60 -5.08 -23.45
C ALA A 91 -16.06 -3.80 -22.78
N ASP A 92 -17.08 -3.17 -23.35
CA ASP A 92 -17.70 -1.95 -22.78
C ASP A 92 -18.71 -2.21 -21.69
N GLU A 93 -18.92 -3.48 -21.38
CA GLU A 93 -19.61 -3.86 -20.16
CA GLU A 93 -19.65 -3.93 -20.19
C GLU A 93 -18.76 -4.93 -19.49
N ALA A 94 -18.86 -4.99 -18.17
CA ALA A 94 -18.11 -5.98 -17.39
C ALA A 94 -18.95 -7.19 -16.98
N PHE A 95 -20.25 -7.16 -17.33
CA PHE A 95 -21.11 -8.30 -17.13
C PHE A 95 -22.31 -8.20 -18.07
N GLY A 96 -23.12 -9.24 -18.06
CA GLY A 96 -24.27 -9.29 -18.94
C GLY A 96 -23.92 -9.84 -20.31
N PRO A 97 -24.90 -9.79 -21.24
CA PRO A 97 -24.72 -10.47 -22.50
C PRO A 97 -23.51 -10.06 -23.33
N VAL A 98 -23.14 -8.78 -23.30
CA VAL A 98 -22.00 -8.32 -24.10
C VAL A 98 -20.70 -8.88 -23.57
N ALA A 99 -20.46 -8.73 -22.26
CA ALA A 99 -19.30 -9.38 -21.66
C ALA A 99 -19.35 -10.88 -21.93
N GLN A 100 -20.53 -11.49 -21.72
CA GLN A 100 -20.63 -12.93 -21.85
C GLN A 100 -20.24 -13.35 -23.24
N GLU A 101 -20.73 -12.65 -24.28
CA GLU A 101 -20.45 -13.11 -25.62
C GLU A 101 -19.00 -12.93 -26.00
N VAL A 103 -16.45 -13.15 -23.93
CA VAL A 103 -15.88 -14.35 -23.30
C VAL A 103 -16.12 -15.62 -24.11
N ALA A 104 -17.35 -15.83 -24.60
CA ALA A 104 -17.68 -17.01 -25.43
C ALA A 104 -16.81 -17.12 -26.67
N ALA A 105 -16.47 -15.96 -27.21
CA ALA A 105 -15.62 -15.84 -28.38
C ALA A 105 -14.13 -16.03 -28.13
N ASN A 107 -10.40 -17.53 -27.32
CA ASN A 107 -9.57 -18.71 -27.35
C ASN A 107 -8.59 -18.68 -26.21
N GLU A 108 -8.03 -19.85 -25.94
CA GLU A 108 -6.96 -19.96 -24.94
C GLU A 108 -5.86 -18.96 -25.25
N GLY A 109 -5.34 -18.36 -24.21
CA GLY A 109 -4.30 -17.35 -24.34
C GLY A 109 -4.83 -15.97 -24.73
N ASP A 110 -6.14 -15.81 -24.92
CA ASP A 110 -6.66 -14.48 -25.27
C ASP A 110 -6.80 -13.63 -24.00
N VAL A 111 -6.70 -12.31 -24.15
CA VAL A 111 -6.91 -11.36 -23.04
C VAL A 111 -8.09 -10.44 -23.36
N LEU A 112 -8.99 -10.28 -22.40
CA LEU A 112 -10.17 -9.44 -22.54
C LEU A 112 -10.17 -8.54 -21.33
N VAL A 113 -10.19 -7.22 -21.55
CA VAL A 113 -10.31 -6.26 -20.48
C VAL A 113 -11.79 -5.89 -20.37
N LEU A 114 -12.36 -6.15 -19.19
CA LEU A 114 -13.74 -5.77 -18.92
C LEU A 114 -13.83 -4.27 -18.60
N GLU A 115 -15.02 -3.71 -18.75
CA GLU A 115 -15.23 -2.31 -18.43
C GLU A 115 -15.03 -2.06 -16.94
N ASN A 116 -14.53 -0.86 -16.65
CA ASN A 116 -14.43 -0.28 -15.28
C ASN A 116 -15.51 -0.79 -14.34
N VAL A 117 -15.10 -1.60 -13.37
CA VAL A 117 -16.05 -2.22 -12.44
C VAL A 117 -16.81 -1.18 -11.59
N ARG A 118 -16.26 0.02 -11.43
CA ARG A 118 -16.92 1.07 -10.64
C ARG A 118 -18.04 1.78 -11.39
N PHE A 119 -18.25 1.47 -12.66
CA PHE A 119 -19.41 1.97 -13.41
C PHE A 119 -20.72 1.44 -12.86
N TYR A 120 -20.65 0.44 -11.98
CA TYR A 120 -21.81 -0.33 -11.56
C TYR A 120 -22.00 -0.13 -10.06
N ALA A 121 -23.16 0.36 -9.68
CA ALA A 121 -23.43 0.73 -8.28
C ALA A 121 -23.26 -0.46 -7.34
N GLY A 122 -23.59 -1.65 -7.85
CA GLY A 122 -23.54 -2.87 -7.06
C GLY A 122 -22.14 -3.34 -6.73
N GLU A 123 -21.14 -2.80 -7.42
CA GLU A 123 -19.75 -3.16 -7.20
C GLU A 123 -19.31 -2.78 -5.76
N GLU A 124 -19.42 -1.50 -5.44
CA GLU A 124 -19.08 -1.02 -4.11
C GLU A 124 -19.96 -1.65 -3.03
N LYS A 125 -21.18 -2.03 -3.38
CA LYS A 125 -22.12 -2.59 -2.39
C LYS A 125 -21.97 -4.11 -2.24
N ASN A 126 -21.11 -4.72 -3.06
CA ASN A 126 -20.91 -6.17 -3.05
C ASN A 126 -22.24 -6.87 -3.28
N ASP A 127 -23.05 -6.31 -4.18
CA ASP A 127 -24.35 -6.90 -4.54
C ASP A 127 -24.14 -8.33 -5.02
N ALA A 128 -24.86 -9.27 -4.41
CA ALA A 128 -24.68 -10.68 -4.71
C ALA A 128 -25.01 -10.98 -6.17
N GLU A 129 -26.06 -10.35 -6.69
CA GLU A 129 -26.47 -10.60 -8.07
C GLU A 129 -25.39 -10.19 -9.05
N LEU A 130 -24.72 -9.05 -8.81
CA LEU A 130 -23.59 -8.63 -9.67
C LEU A 130 -22.43 -9.58 -9.49
N ALA A 131 -22.17 -10.02 -8.26
CA ALA A 131 -21.11 -11.01 -8.01
C ALA A 131 -21.35 -12.31 -8.81
N LYS A 132 -22.60 -12.76 -8.81
CA LYS A 132 -23.00 -13.95 -9.58
C LYS A 132 -22.83 -13.70 -11.07
N GLU A 133 -23.13 -12.48 -11.53
CA GLU A 133 -22.98 -12.15 -12.96
C GLU A 133 -21.51 -12.15 -13.37
N PHE A 134 -20.64 -11.64 -12.49
CA PHE A 134 -19.24 -11.70 -12.78
C PHE A 134 -18.80 -13.15 -12.82
N ALA A 135 -19.30 -13.93 -11.87
CA ALA A 135 -18.91 -15.33 -11.78
C ALA A 135 -19.35 -16.10 -13.02
N ALA A 136 -20.51 -15.74 -13.59
CA ALA A 136 -21.02 -16.38 -14.82
C ALA A 136 -20.02 -16.34 -15.96
N LEU A 137 -19.07 -15.40 -15.92
CA LEU A 137 -18.08 -15.27 -16.98
C LEU A 137 -16.89 -16.21 -16.87
N ALA A 138 -16.70 -16.83 -15.72
CA ALA A 138 -15.44 -17.53 -15.46
C ALA A 138 -15.61 -18.83 -14.74
N ASP A 139 -14.48 -19.54 -14.69
CA ASP A 139 -14.32 -20.77 -13.91
C ASP A 139 -13.54 -20.59 -12.61
N ILE A 140 -12.72 -19.53 -12.55
CA ILE A 140 -11.86 -19.34 -11.40
C ILE A 140 -11.62 -17.86 -11.21
N PHE A 141 -11.56 -17.45 -9.94
CA PHE A 141 -11.27 -16.06 -9.55
C PHE A 141 -9.79 -15.97 -9.14
N VAL A 142 -9.03 -15.13 -9.85
CA VAL A 142 -7.68 -14.79 -9.47
C VAL A 142 -7.64 -13.34 -8.98
N ASN A 143 -7.25 -13.15 -7.72
CA ASN A 143 -7.17 -11.82 -7.17
C ASN A 143 -5.71 -11.39 -7.21
N ASP A 144 -5.39 -10.43 -8.07
CA ASP A 144 -4.05 -9.85 -8.11
C ASP A 144 -4.04 -8.36 -7.72
N ALA A 145 -5.06 -7.91 -7.01
CA ALA A 145 -5.15 -6.50 -6.62
C ALA A 145 -5.22 -6.41 -5.10
N PHE A 146 -4.07 -6.57 -4.47
CA PHE A 146 -3.99 -6.41 -3.03
C PHE A 146 -4.53 -5.04 -2.58
N GLY A 147 -4.21 -4.03 -3.36
CA GLY A 147 -4.64 -2.66 -3.09
C GLY A 147 -6.11 -2.41 -3.12
N ALA A 148 -6.87 -3.35 -3.69
CA ALA A 148 -8.33 -3.31 -3.68
C ALA A 148 -8.95 -4.30 -2.68
N ALA A 149 -8.11 -5.15 -2.07
CA ALA A 149 -8.61 -6.35 -1.33
C ALA A 149 -9.12 -6.01 0.07
N HIS A 150 -8.86 -4.80 0.54
CA HIS A 150 -9.35 -4.37 1.86
C HIS A 150 -10.80 -3.98 1.86
N ARG A 151 -11.44 -3.97 0.70
CA ARG A 151 -12.88 -3.69 0.67
CA ARG A 151 -12.88 -3.64 0.61
C ARG A 151 -13.67 -4.84 0.07
N ALA A 152 -14.85 -5.10 0.62
CA ALA A 152 -15.70 -6.19 0.16
C ALA A 152 -16.55 -5.65 -1.01
N HIS A 153 -16.08 -5.89 -2.23
CA HIS A 153 -16.74 -5.46 -3.47
C HIS A 153 -16.99 -6.68 -4.31
N ALA A 154 -17.89 -6.58 -5.28
CA ALA A 154 -18.25 -7.74 -6.08
C ALA A 154 -17.06 -8.33 -6.81
N SER A 155 -16.18 -7.49 -7.37
CA SER A 155 -15.04 -7.99 -8.14
C SER A 155 -13.80 -8.34 -7.30
N THR A 156 -13.82 -7.97 -6.01
CA THR A 156 -12.70 -8.20 -5.11
C THR A 156 -12.91 -9.33 -4.11
N ALA A 157 -14.16 -9.70 -3.86
CA ALA A 157 -14.51 -10.62 -2.77
C ALA A 157 -15.81 -11.39 -3.06
N GLY A 158 -16.87 -10.68 -3.43
CA GLY A 158 -18.17 -11.32 -3.66
C GLY A 158 -18.19 -12.47 -4.63
N ILE A 159 -17.47 -12.29 -5.73
CA ILE A 159 -17.31 -13.30 -6.76
C ILE A 159 -16.79 -14.62 -6.19
N ALA A 160 -15.96 -14.55 -5.15
CA ALA A 160 -15.41 -15.78 -4.53
C ALA A 160 -16.47 -16.65 -3.84
N ASP A 161 -17.69 -16.13 -3.73
CA ASP A 161 -18.82 -16.94 -3.24
C ASP A 161 -19.24 -18.02 -4.24
N TYR A 162 -18.91 -17.79 -5.50
CA TYR A 162 -19.39 -18.62 -6.61
C TYR A 162 -18.27 -19.41 -7.30
N LEU A 163 -17.01 -19.02 -7.09
CA LEU A 163 -15.90 -19.59 -7.82
C LEU A 163 -14.77 -19.94 -6.88
N PRO A 164 -13.92 -20.90 -7.27
CA PRO A 164 -12.63 -21.02 -6.58
C PRO A 164 -11.85 -19.72 -6.72
N ALA A 165 -10.96 -19.48 -5.77
CA ALA A 165 -10.27 -18.19 -5.60
C ALA A 165 -8.82 -18.36 -5.18
N VAL A 166 -7.91 -17.78 -5.97
CA VAL A 166 -6.47 -17.91 -5.75
C VAL A 166 -5.82 -16.55 -6.00
N SER A 167 -4.62 -16.37 -5.44
CA SER A 167 -3.86 -15.14 -5.64
C SER A 167 -3.15 -15.11 -7.00
N GLY A 168 -2.96 -13.92 -7.56
CA GLY A 168 -2.01 -13.71 -8.65
C GLY A 168 -0.61 -13.48 -8.13
N LEU A 169 0.34 -13.20 -9.03
CA LEU A 169 1.73 -13.08 -8.65
C LEU A 169 2.04 -11.87 -7.73
N LEU A 170 1.36 -10.75 -7.98
CA LEU A 170 1.57 -9.56 -7.10
C LEU A 170 1.02 -9.80 -5.71
N GLU A 172 0.35 -12.66 -4.29
CA GLU A 172 1.12 -13.73 -3.62
C GLU A 172 2.30 -13.16 -2.88
N LYS A 173 3.06 -12.30 -3.57
CA LYS A 173 4.23 -11.67 -2.97
C LYS A 173 3.85 -10.74 -1.80
N GLU A 174 2.79 -9.96 -1.95
CA GLU A 174 2.33 -9.07 -0.88
C GLU A 174 2.00 -9.88 0.36
N LEU A 175 1.26 -10.97 0.18
CA LEU A 175 0.88 -11.81 1.32
C LEU A 175 2.08 -12.54 1.95
N GLU A 176 3.03 -13.00 1.13
CA GLU A 176 4.26 -13.64 1.62
CA GLU A 176 4.25 -13.64 1.63
C GLU A 176 5.01 -12.66 2.52
N VAL A 177 5.23 -11.43 2.02
CA VAL A 177 6.09 -10.46 2.74
C VAL A 177 5.39 -9.89 3.99
N LEU A 178 4.18 -9.40 3.78
CA LEU A 178 3.46 -8.76 4.88
C LEU A 178 3.00 -9.78 5.92
N GLY A 179 2.57 -10.95 5.46
CA GLY A 179 2.20 -12.05 6.31
C GLY A 179 3.38 -12.49 7.18
N LYS A 180 4.56 -12.63 6.60
CA LYS A 180 5.73 -13.05 7.36
CA LYS A 180 5.77 -13.03 7.33
C LYS A 180 6.04 -11.94 8.37
N ALA A 181 5.88 -10.69 7.99
CA ALA A 181 6.24 -9.58 8.88
C ALA A 181 5.39 -9.61 10.14
N LEU A 182 4.12 -9.97 10.02
CA LEU A 182 3.24 -10.08 11.18
C LEU A 182 3.42 -11.37 11.97
N SER A 183 3.72 -12.48 11.31
CA SER A 183 3.75 -13.80 11.94
CA SER A 183 3.73 -13.77 11.99
C SER A 183 5.12 -14.28 12.37
N ASN A 184 6.16 -14.12 11.54
N ASN A 184 6.12 -13.98 11.54
CA ASN A 184 7.53 -14.53 11.95
CA ASN A 184 7.44 -14.56 11.68
C ASN A 184 8.55 -13.64 11.32
C ASN A 184 8.55 -13.61 11.21
N PRO A 185 8.55 -12.36 11.72
CA PRO A 185 9.54 -11.42 11.20
C PRO A 185 10.97 -11.82 11.52
N GLU A 186 11.90 -11.44 10.63
CA GLU A 186 13.30 -11.37 11.00
C GLU A 186 13.46 -10.35 12.09
N ARG A 187 14.45 -10.55 12.94
CA ARG A 187 14.61 -9.64 14.08
C ARG A 187 16.06 -9.26 14.23
N PRO A 188 16.33 -8.01 14.67
CA PRO A 188 15.29 -7.09 15.13
C PRO A 188 14.38 -6.52 14.06
N PHE A 189 13.09 -6.33 14.42
CA PHE A 189 12.05 -5.82 13.56
C PHE A 189 11.77 -4.39 14.00
N ALA A 190 11.95 -3.45 13.06
CA ALA A 190 11.60 -2.03 13.28
C ALA A 190 10.42 -1.67 12.41
N ALA A 191 9.55 -0.84 12.96
CA ALA A 191 8.57 -0.11 12.14
C ALA A 191 8.89 1.35 12.24
N ILE A 192 8.84 2.00 11.09
CA ILE A 192 8.99 3.44 10.97
C ILE A 192 7.61 3.97 10.59
N ILE A 193 7.04 4.77 11.46
CA ILE A 193 5.70 5.30 11.25
C ILE A 193 5.75 6.82 11.24
N GLY A 194 5.28 7.41 10.14
CA GLY A 194 5.33 8.82 9.94
C GLY A 194 4.08 9.40 9.32
N GLY A 195 4.26 10.46 8.57
CA GLY A 195 3.18 11.21 7.99
C GLY A 195 2.63 12.27 8.95
N ALA A 196 1.65 13.05 8.46
CA ALA A 196 1.22 14.27 9.12
C ALA A 196 0.36 14.08 10.34
N LYS A 197 -0.42 13.00 10.34
CA LYS A 197 -1.50 12.82 11.33
C LYS A 197 -1.38 11.58 12.15
N VAL A 198 -1.51 11.73 13.46
CA VAL A 198 -1.54 10.57 14.35
C VAL A 198 -2.74 9.76 13.99
N LYS A 199 -3.88 10.43 13.74
CA LYS A 199 -5.14 9.69 13.57
C LYS A 199 -5.04 8.55 12.57
N ASP A 200 -4.39 8.83 11.46
CA ASP A 200 -4.25 7.90 10.35
C ASP A 200 -3.43 6.65 10.65
N LYS A 201 -2.53 6.76 11.64
CA LYS A 201 -1.63 5.70 12.00
C LYS A 201 -1.93 5.04 13.36
N ILE A 202 -3.04 5.44 14.00
CA ILE A 202 -3.39 4.89 15.35
C ILE A 202 -3.44 3.37 15.34
N GLY A 203 -4.17 2.83 14.40
CA GLY A 203 -4.26 1.36 14.33
C GLY A 203 -2.94 0.66 14.12
N LEU A 204 -2.08 1.23 13.28
CA LEU A 204 -0.84 0.63 12.97
C LEU A 204 0.11 0.66 14.16
N ILE A 205 0.21 1.84 14.82
CA ILE A 205 1.00 1.98 16.02
C ILE A 205 0.56 0.95 17.05
N ARG A 206 -0.74 0.91 17.35
CA ARG A 206 -1.26 -0.02 18.32
C ARG A 206 -0.88 -1.46 18.04
N HIS A 207 -1.15 -1.94 16.82
CA HIS A 207 -0.90 -3.32 16.52
C HIS A 207 0.60 -3.64 16.48
N LEU A 208 1.41 -2.78 15.87
CA LEU A 208 2.83 -3.11 15.71
C LEU A 208 3.61 -2.97 17.03
N LEU A 209 3.05 -2.26 18.01
CA LEU A 209 3.70 -2.26 19.34
C LEU A 209 3.64 -3.67 19.98
N ASP A 210 2.75 -4.55 19.51
CA ASP A 210 2.70 -5.96 19.96
C ASP A 210 3.74 -6.83 19.21
N LYS A 211 4.33 -6.31 18.15
CA LYS A 211 5.16 -7.09 17.26
C LYS A 211 6.64 -6.69 17.15
N VAL A 212 6.92 -5.38 17.14
CA VAL A 212 8.25 -4.91 16.82
C VAL A 212 9.20 -4.95 17.99
N ASP A 213 10.49 -4.90 17.65
CA ASP A 213 11.52 -4.64 18.61
C ASP A 213 11.85 -3.15 18.74
N ASN A 214 11.74 -2.45 17.62
CA ASN A 214 12.03 -1.03 17.54
C ASN A 214 10.86 -0.33 16.91
N LEU A 215 10.42 0.78 17.51
CA LEU A 215 9.37 1.62 16.88
C LEU A 215 10.00 2.98 16.67
N ILE A 216 10.00 3.48 15.45
CA ILE A 216 10.58 4.79 15.09
C ILE A 216 9.46 5.65 14.56
N ILE A 217 9.29 6.85 15.13
CA ILE A 217 8.28 7.78 14.65
C ILE A 217 8.90 9.07 14.13
N GLY A 218 8.18 9.67 13.19
CA GLY A 218 8.54 10.92 12.62
C GLY A 218 7.38 11.53 11.88
N GLY A 219 7.66 12.57 11.10
CA GLY A 219 6.63 13.30 10.44
C GLY A 219 5.85 14.15 11.43
N GLY A 220 4.82 14.78 10.92
CA GLY A 220 4.00 15.68 11.74
C GLY A 220 3.36 14.91 12.88
N LEU A 221 3.11 13.63 12.67
CA LEU A 221 2.60 12.73 13.73
C LEU A 221 3.43 12.79 15.02
N ALA A 222 4.76 12.92 14.88
CA ALA A 222 5.62 12.82 16.04
C ALA A 222 5.41 13.97 17.02
N TYR A 223 4.96 15.16 16.57
CA TYR A 223 4.91 16.30 17.49
C TYR A 223 3.81 16.09 18.52
N THR A 224 2.81 15.28 18.23
CA THR A 224 1.86 14.92 19.28
C THR A 224 2.56 14.15 20.41
N PHE A 225 3.46 13.26 20.06
CA PHE A 225 4.24 12.52 21.07
C PHE A 225 5.18 13.46 21.84
N VAL A 226 5.89 14.33 21.13
CA VAL A 226 6.73 15.33 21.79
C VAL A 226 5.91 16.14 22.81
N LYS A 227 4.73 16.63 22.42
CA LYS A 227 3.86 17.39 23.34
C LYS A 227 3.45 16.52 24.55
N ALA A 228 3.13 15.27 24.27
CA ALA A 228 2.67 14.34 25.32
C ALA A 228 3.73 14.14 26.40
N LEU A 229 5.00 14.28 26.04
CA LEU A 229 6.08 14.25 27.06
C LEU A 229 6.24 15.50 27.85
N GLY A 230 5.50 16.51 27.49
CA GLY A 230 5.58 17.75 28.18
C GLY A 230 6.59 18.69 27.59
N HIS A 231 7.09 18.38 26.40
CA HIS A 231 7.95 19.36 25.68
C HIS A 231 7.07 20.37 24.98
N GLU A 232 7.59 21.56 24.75
CA GLU A 232 6.92 22.58 23.97
C GLU A 232 7.09 22.23 22.47
N ILE A 233 6.07 22.53 21.68
CA ILE A 233 6.08 22.22 20.22
C ILE A 233 5.82 23.42 19.31
N GLY A 234 5.70 24.61 19.90
CA GLY A 234 5.39 25.78 19.15
C GLY A 234 4.17 25.67 18.27
N LEU A 235 4.35 25.96 16.98
CA LEU A 235 3.26 25.87 15.98
C LEU A 235 3.10 24.53 15.25
N SER A 236 3.78 23.51 15.75
CA SER A 236 3.75 22.22 15.09
C SER A 236 2.37 21.60 15.20
N LEU A 237 2.05 20.76 14.24
CA LEU A 237 0.81 20.04 14.17
C LEU A 237 0.66 19.19 15.40
N CYS A 238 -0.50 19.22 16.03
CA CYS A 238 -0.71 18.41 17.22
C CYS A 238 -2.17 18.09 17.29
N GLU A 239 -2.51 16.84 17.61
CA GLU A 239 -3.90 16.48 17.76
C GLU A 239 -4.10 16.32 19.26
N ASP A 240 -4.66 17.35 19.84
CA ASP A 240 -4.79 17.43 21.28
C ASP A 240 -5.62 16.25 21.85
N ASP A 241 -6.58 15.75 21.09
CA ASP A 241 -7.37 14.61 21.58
CA ASP A 241 -7.38 14.60 21.54
C ASP A 241 -6.64 13.28 21.43
N LYS A 242 -5.40 13.28 20.88
CA LYS A 242 -4.58 12.11 20.83
C LYS A 242 -3.36 12.16 21.75
N ILE A 243 -3.20 13.25 22.50
CA ILE A 243 -2.12 13.36 23.49
CA ILE A 243 -2.11 13.33 23.44
C ILE A 243 -2.12 12.16 24.45
N GLU A 244 -3.27 11.83 25.05
CA GLU A 244 -3.26 10.79 26.06
C GLU A 244 -3.01 9.40 25.44
N LEU A 245 -3.52 9.22 24.23
CA LEU A 245 -3.24 8.00 23.47
CA LEU A 245 -3.26 8.02 23.47
C LEU A 245 -1.75 7.86 23.25
N ALA A 246 -1.09 8.95 22.88
CA ALA A 246 0.36 8.93 22.64
C ALA A 246 1.10 8.54 23.93
N LYS A 247 0.68 9.15 25.05
CA LYS A 247 1.27 8.77 26.36
C LYS A 247 1.10 7.29 26.59
N GLU A 248 -0.09 6.77 26.31
CA GLU A 248 -0.32 5.36 26.58
C GLU A 248 0.50 4.48 25.64
N PHE A 249 0.65 4.89 24.41
CA PHE A 249 1.54 4.15 23.49
C PHE A 249 2.98 4.13 24.00
N GLN A 251 3.97 4.37 27.07
CA GLN A 251 3.93 3.47 28.22
C GLN A 251 3.90 2.00 27.81
N LEU A 252 3.11 1.64 26.82
CA LEU A 252 3.11 0.30 26.32
C LEU A 252 4.51 -0.10 25.83
N ALA A 253 5.14 0.79 25.07
CA ALA A 253 6.49 0.47 24.57
C ALA A 253 7.47 0.21 25.71
N LYS A 254 7.41 1.05 26.74
CA LYS A 254 8.31 0.93 27.90
C LYS A 254 8.06 -0.41 28.59
N GLU A 255 6.79 -0.73 28.84
CA GLU A 255 6.48 -1.94 29.58
C GLU A 255 6.86 -3.20 28.81
N LYS A 256 6.72 -3.15 27.51
CA LYS A 256 7.11 -4.26 26.69
C LYS A 256 8.62 -4.29 26.36
N GLY A 257 9.37 -3.28 26.72
CA GLY A 257 10.76 -3.26 26.32
C GLY A 257 10.99 -2.99 24.84
N VAL A 258 10.01 -2.38 24.15
CA VAL A 258 10.22 -1.94 22.79
C VAL A 258 11.08 -0.72 22.83
N ASN A 259 12.09 -0.66 21.96
CA ASN A 259 12.90 0.50 21.89
C ASN A 259 12.15 1.54 21.06
N PHE A 260 11.89 2.69 21.67
CA PHE A 260 11.00 3.69 21.12
C PHE A 260 11.82 4.90 20.73
N TYR A 261 11.89 5.14 19.43
CA TYR A 261 12.69 6.25 18.86
C TYR A 261 11.83 7.38 18.34
N PRO A 263 11.99 11.84 17.47
CA PRO A 263 13.04 12.82 17.11
C PRO A 263 13.74 13.43 18.33
N VAL A 264 15.06 13.59 18.23
CA VAL A 264 15.87 14.21 19.28
C VAL A 264 16.26 15.62 18.84
N ASP A 265 16.13 15.88 17.56
CA ASP A 265 16.31 17.22 17.00
C ASP A 265 15.39 17.39 15.82
N VAL A 266 15.06 18.63 15.50
CA VAL A 266 14.02 18.96 14.55
CA VAL A 266 14.01 18.96 14.54
C VAL A 266 14.43 20.17 13.70
N VAL A 267 14.12 20.10 12.40
CA VAL A 267 14.20 21.24 11.50
C VAL A 267 12.89 22.02 11.73
N ILE A 268 13.01 23.31 12.02
CA ILE A 268 11.86 24.18 12.31
C ILE A 268 11.86 25.38 11.37
N THR A 269 10.66 25.91 11.14
CA THR A 269 10.51 27.11 10.35
C THR A 269 9.37 27.97 10.89
N GLU A 270 9.40 29.24 10.56
CA GLU A 270 8.30 30.18 10.84
C GLU A 270 7.27 30.20 9.75
N GLU A 271 7.61 29.65 8.59
CA GLU A 271 6.62 29.65 7.51
C GLU A 271 6.89 28.49 6.59
N PHE A 272 5.87 27.65 6.44
CA PHE A 272 5.92 26.50 5.56
C PHE A 272 5.82 26.96 4.13
N SER A 273 6.85 26.65 3.35
CA SER A 273 6.84 27.04 1.98
C SER A 273 8.02 26.36 1.31
N GLU A 274 7.97 26.39 0.00
CA GLU A 274 9.01 25.75 -0.82
C GLU A 274 10.35 26.45 -0.69
N THR A 275 10.37 27.70 -0.24
CA THR A 275 11.62 28.45 -0.10
C THR A 275 11.90 28.80 1.39
N ALA A 276 11.40 27.96 2.31
CA ALA A 276 11.38 28.29 3.75
C ALA A 276 12.76 28.50 4.34
N THR A 277 12.85 29.44 5.27
CA THR A 277 14.05 29.63 6.12
C THR A 277 13.91 28.74 7.35
N THR A 278 14.96 27.99 7.64
CA THR A 278 14.93 26.94 8.67
C THR A 278 16.14 27.01 9.59
N LYS A 279 16.02 26.34 10.73
CA LYS A 279 17.12 26.06 11.63
C LYS A 279 16.86 24.74 12.32
N ILE A 280 17.89 24.22 12.98
CA ILE A 280 17.77 22.95 13.69
C ILE A 280 17.83 23.21 15.17
N VAL A 281 16.91 22.60 15.91
CA VAL A 281 16.94 22.72 17.37
C VAL A 281 16.72 21.37 18.00
N GLY A 282 17.21 21.22 19.23
CA GLY A 282 16.92 19.99 20.00
C GLY A 282 15.45 19.91 20.29
N ILE A 283 15.03 18.69 20.60
CA ILE A 283 13.62 18.46 20.77
C ILE A 283 12.98 19.16 22.01
N ASP A 284 13.78 19.48 23.05
CA ASP A 284 13.30 20.27 24.16
C ASP A 284 13.51 21.78 24.00
N SER A 285 13.82 22.21 22.79
CA SER A 285 14.15 23.65 22.51
C SER A 285 13.36 24.21 21.32
N ILE A 286 12.14 23.70 21.11
CA ILE A 286 11.34 24.19 19.99
C ILE A 286 10.78 25.51 20.39
N PRO A 287 11.14 26.60 19.65
CA PRO A 287 10.64 27.92 19.95
C PRO A 287 9.13 28.01 19.74
N SER A 288 8.49 28.85 20.54
CA SER A 288 7.05 28.83 20.69
C SER A 288 6.34 29.26 19.39
N ASN A 289 6.99 30.06 18.54
CA ASN A 289 6.42 30.61 17.30
C ASN A 289 7.07 29.97 15.98
N TRP A 290 7.69 28.82 16.15
CA TRP A 290 8.19 28.05 15.00
C TRP A 290 7.46 26.74 14.92
N GLU A 291 7.58 26.04 13.79
CA GLU A 291 6.98 24.74 13.65
C GLU A 291 7.96 23.72 13.15
N GLY A 292 7.85 22.55 13.72
CA GLY A 292 8.64 21.42 13.27
C GLY A 292 8.21 20.92 11.91
N VAL A 293 9.20 20.74 11.05
CA VAL A 293 8.95 20.37 9.67
C VAL A 293 9.78 19.21 9.13
N ASP A 294 10.76 18.74 9.89
CA ASP A 294 11.52 17.58 9.52
C ASP A 294 12.31 17.13 10.74
N ILE A 295 12.74 15.89 10.69
CA ILE A 295 13.72 15.39 11.65
C ILE A 295 15.08 15.94 11.37
N GLY A 296 15.80 16.27 12.45
CA GLY A 296 17.14 16.88 12.34
C GLY A 296 18.23 15.87 12.07
N PRO A 297 19.43 16.38 11.81
CA PRO A 297 20.51 15.50 11.46
C PRO A 297 20.92 14.50 12.58
N LYS A 298 20.84 14.89 13.86
CA LYS A 298 21.18 13.94 14.93
C LYS A 298 20.19 12.77 14.90
N THR A 299 18.94 13.08 14.63
CA THR A 299 17.89 12.08 14.59
C THR A 299 18.07 11.21 13.37
N ARG A 300 18.44 11.82 12.21
CA ARG A 300 18.73 11.01 11.01
C ARG A 300 19.83 9.98 11.27
N GLU A 301 20.87 10.40 11.98
CA GLU A 301 21.96 9.47 12.28
C GLU A 301 21.53 8.32 13.18
N ILE A 302 20.74 8.62 14.20
CA ILE A 302 20.25 7.60 15.09
C ILE A 302 19.33 6.62 14.35
N TYR A 303 18.40 7.16 13.58
CA TYR A 303 17.45 6.33 12.83
C TYR A 303 18.20 5.45 11.82
N ALA A 304 19.22 5.99 11.18
CA ALA A 304 20.01 5.16 10.25
C ALA A 304 20.67 3.97 10.95
N ASP A 305 21.27 4.21 12.12
CA ASP A 305 21.89 3.16 12.94
C ASP A 305 20.89 2.09 13.34
N VAL A 306 19.68 2.52 13.72
CA VAL A 306 18.68 1.56 14.12
C VAL A 306 18.24 0.72 12.90
N ILE A 307 18.05 1.38 11.77
CA ILE A 307 17.67 0.71 10.53
C ILE A 307 18.75 -0.33 10.16
N LYS A 308 20.02 0.09 10.16
CA LYS A 308 21.15 -0.82 9.81
C LYS A 308 21.24 -2.01 10.75
N ASN A 309 20.82 -1.84 12.01
CA ASN A 309 20.77 -2.95 12.97
C ASN A 309 19.45 -3.68 13.17
N SER A 310 18.54 -3.49 12.21
CA SER A 310 17.29 -4.18 12.22
C SER A 310 17.26 -5.07 10.99
N LYS A 311 16.84 -6.30 11.17
CA LYS A 311 16.83 -7.22 10.05
C LYS A 311 15.56 -7.07 9.20
N LEU A 312 14.49 -6.53 9.76
CA LEU A 312 13.28 -6.25 8.96
C LEU A 312 12.84 -4.84 9.33
N VAL A 313 12.60 -3.97 8.34
CA VAL A 313 12.12 -2.62 8.61
C VAL A 313 10.87 -2.43 7.71
N VAL A 314 9.75 -2.09 8.32
CA VAL A 314 8.52 -1.72 7.56
C VAL A 314 8.35 -0.19 7.73
N TRP A 315 8.26 0.51 6.63
CA TRP A 315 8.16 1.97 6.62
C TRP A 315 6.82 2.43 6.10
N ASN A 316 6.04 3.08 6.97
CA ASN A 316 4.78 3.69 6.58
C ASN A 316 4.72 5.15 7.03
N GLY A 317 5.12 6.03 6.13
CA GLY A 317 4.93 7.46 6.35
C GLY A 317 6.21 8.29 6.42
N PRO A 318 6.24 9.42 5.69
CA PRO A 318 7.47 10.21 5.66
C PRO A 318 7.80 10.97 6.96
N GLY A 320 8.63 14.18 7.00
CA GLY A 320 8.24 15.59 6.75
C GLY A 320 7.56 15.67 5.40
N VAL A 321 7.11 16.85 5.02
CA VAL A 321 6.41 17.02 3.73
C VAL A 321 7.49 17.10 2.63
N PHE A 322 7.93 15.94 2.19
CA PHE A 322 9.15 15.80 1.43
C PHE A 322 9.07 16.31 -0.03
N GLU A 323 7.86 16.52 -0.56
CA GLU A 323 7.77 17.22 -1.81
C GLU A 323 8.24 18.69 -1.73
N THR A 325 11.07 21.14 -1.01
CA THR A 325 12.52 20.99 -1.02
C THR A 325 13.16 21.11 0.34
N PRO A 326 12.77 22.10 1.16
CA PRO A 326 13.50 22.27 2.42
C PRO A 326 13.15 21.28 3.52
N PHE A 327 12.11 20.48 3.29
CA PHE A 327 11.62 19.55 4.29
C PHE A 327 11.79 18.11 3.86
N ALA A 328 12.75 17.83 3.02
CA ALA A 328 12.87 16.51 2.40
C ALA A 328 13.99 15.68 3.01
N GLU A 329 14.93 16.30 3.71
CA GLU A 329 16.16 15.57 4.04
C GLU A 329 15.98 14.38 5.02
N GLY A 330 15.05 14.50 5.95
CA GLY A 330 14.82 13.42 6.89
C GLY A 330 14.29 12.17 6.18
N THR A 331 13.39 12.38 5.23
CA THR A 331 12.78 11.28 4.45
C THR A 331 13.81 10.69 3.50
N LYS A 332 14.58 11.59 2.87
CA LYS A 332 15.71 11.16 2.06
CA LYS A 332 15.72 11.19 2.05
C LYS A 332 16.65 10.28 2.89
N ALA A 333 16.96 10.68 4.14
CA ALA A 333 17.92 9.96 4.94
C ALA A 333 17.46 8.62 5.33
N VAL A 334 16.16 8.52 5.61
CA VAL A 334 15.59 7.22 5.94
C VAL A 334 15.65 6.27 4.72
N GLY A 335 15.27 6.79 3.54
CA GLY A 335 15.38 6.03 2.28
C GLY A 335 16.79 5.58 2.03
N GLN A 336 17.74 6.51 2.18
CA GLN A 336 19.14 6.16 1.98
C GLN A 336 19.63 5.10 2.95
N ALA A 337 19.25 5.20 4.21
CA ALA A 337 19.68 4.22 5.18
C ALA A 337 19.15 2.84 4.85
N LEU A 338 17.91 2.77 4.40
CA LEU A 338 17.35 1.49 3.96
C LEU A 338 18.12 0.91 2.76
N ALA A 339 18.48 1.79 1.81
CA ALA A 339 19.27 1.45 0.61
C ALA A 339 20.69 0.98 1.01
N ASP A 340 21.31 1.69 1.96
CA ASP A 340 22.71 1.46 2.39
CA ASP A 340 22.69 1.43 2.41
C ASP A 340 22.82 0.20 3.27
N ALA A 341 21.72 -0.19 3.92
CA ALA A 341 21.71 -1.27 4.92
C ALA A 341 21.72 -2.61 4.28
N GLU A 342 22.91 -3.19 4.19
CA GLU A 342 23.16 -4.45 3.50
CA GLU A 342 23.08 -4.41 3.44
C GLU A 342 22.50 -5.62 4.19
N GLY A 343 22.21 -5.44 5.49
CA GLY A 343 21.67 -6.53 6.33
C GLY A 343 20.17 -6.46 6.66
N THR A 344 19.45 -5.64 5.91
CA THR A 344 18.08 -5.26 6.30
C THR A 344 17.12 -5.50 5.14
N TYR A 345 16.06 -6.27 5.39
CA TYR A 345 14.93 -6.41 4.47
C TYR A 345 13.98 -5.21 4.64
N SER A 346 13.96 -4.32 3.63
CA SER A 346 13.22 -3.09 3.64
C SER A 346 11.84 -3.27 2.93
N VAL A 347 10.79 -2.99 3.69
CA VAL A 347 9.41 -3.03 3.21
C VAL A 347 8.77 -1.63 3.26
N ILE A 348 8.36 -1.13 2.10
CA ILE A 348 7.75 0.17 1.99
C ILE A 348 6.25 -0.06 1.99
N GLY A 349 5.61 0.46 3.03
N GLY A 349 5.56 0.69 2.83
CA GLY A 349 4.31 -0.04 3.44
CA GLY A 349 4.12 0.84 2.70
C GLY A 349 3.17 0.82 2.98
C GLY A 349 3.74 1.50 1.39
N GLY A 350 3.48 2.00 2.46
N GLY A 350 2.51 1.28 0.95
CA GLY A 350 2.39 2.89 2.03
CA GLY A 350 2.01 1.93 -0.24
C GLY A 350 2.78 3.77 0.86
C GLY A 350 1.79 3.42 -0.02
N GLY A 351 1.76 4.38 0.28
N GLY A 351 1.63 4.14 -1.12
CA GLY A 351 1.85 5.17 -0.91
CA GLY A 351 1.43 5.58 -1.06
C GLY A 351 2.75 6.38 -0.84
C GLY A 351 2.72 6.34 -0.79
N ASP A 352 2.73 7.11 0.28
CA ASP A 352 3.60 8.27 0.41
C ASP A 352 5.06 7.86 0.61
N SER A 353 5.31 6.79 1.37
CA SER A 353 6.69 6.28 1.48
C SER A 353 7.15 5.75 0.12
N ALA A 354 6.22 5.12 -0.61
CA ALA A 354 6.56 4.63 -1.94
C ALA A 354 6.89 5.77 -2.90
N ALA A 355 6.09 6.85 -2.81
CA ALA A 355 6.34 8.05 -3.58
C ALA A 355 7.71 8.66 -3.29
N ALA A 356 8.07 8.67 -2.00
CA ALA A 356 9.35 9.21 -1.55
C ALA A 356 10.54 8.41 -2.09
N VAL A 357 10.50 7.09 -1.97
CA VAL A 357 11.64 6.30 -2.48
C VAL A 357 11.78 6.42 -4.01
N GLU A 358 10.67 6.60 -4.73
CA GLU A 358 10.74 6.77 -6.19
C GLU A 358 11.38 8.14 -6.49
N LYS A 359 10.86 9.16 -5.81
CA LYS A 359 11.38 10.51 -5.94
C LYS A 359 12.89 10.64 -5.72
N PHE A 360 13.40 10.00 -4.66
CA PHE A 360 14.79 10.18 -4.23
C PHE A 360 15.72 9.08 -4.78
N GLY A 361 15.20 8.25 -5.67
CA GLY A 361 16.04 7.44 -6.53
C GLY A 361 16.47 6.09 -5.98
N ALA A 363 14.22 3.51 -4.95
CA ALA A 363 13.17 2.49 -5.00
C ALA A 363 13.68 1.11 -5.39
N ASP A 364 14.55 1.06 -6.40
CA ASP A 364 15.20 -0.14 -6.89
CA ASP A 364 15.12 -0.21 -6.86
C ASP A 364 15.90 -0.95 -5.79
N LYS A 365 16.34 -0.26 -4.74
CA LYS A 365 17.07 -0.90 -3.63
C LYS A 365 16.19 -1.35 -2.46
N SER A 367 13.56 -3.80 -0.69
CA SER A 367 13.30 -5.23 -0.84
C SER A 367 11.87 -5.53 -1.33
N HIS A 368 10.90 -4.80 -0.79
CA HIS A 368 9.53 -4.90 -1.20
C HIS A 368 8.83 -3.58 -1.09
N ILE A 369 8.18 -3.15 -2.16
CA ILE A 369 7.37 -1.94 -2.10
C ILE A 369 5.93 -2.34 -2.31
N SER A 370 5.14 -2.18 -1.26
CA SER A 370 3.75 -2.56 -1.34
C SER A 370 2.99 -1.53 -2.18
N THR A 371 1.99 -1.99 -2.90
CA THR A 371 1.15 -1.11 -3.71
C THR A 371 -0.30 -1.28 -3.25
N GLY A 372 -0.45 -1.72 -2.00
CA GLY A 372 -1.78 -1.96 -1.41
C GLY A 372 -2.43 -0.71 -0.83
N GLY A 373 -1.62 0.32 -0.57
CA GLY A 373 -2.13 1.63 -0.18
C GLY A 373 -2.85 1.54 1.17
N GLY A 374 -4.13 1.96 1.18
CA GLY A 374 -5.00 1.71 2.32
C GLY A 374 -5.00 0.22 2.69
N ALA A 375 -4.90 -0.69 1.71
CA ALA A 375 -4.87 -2.13 2.01
C ALA A 375 -3.66 -2.58 2.83
N SER A 376 -2.48 -2.09 2.47
CA SER A 376 -1.29 -2.51 3.20
CA SER A 376 -1.27 -2.53 3.19
C SER A 376 -1.31 -2.02 4.64
N LEU A 377 -1.85 -0.82 4.84
CA LEU A 377 -2.00 -0.29 6.19
C LEU A 377 -2.95 -1.21 6.99
N GLU A 378 -4.11 -1.51 6.40
CA GLU A 378 -5.09 -2.33 7.08
C GLU A 378 -4.57 -3.69 7.38
N PHE A 379 -3.83 -4.28 6.44
CA PHE A 379 -3.22 -5.57 6.70
C PHE A 379 -2.26 -5.53 7.88
N GLU A 381 -2.23 -3.57 10.32
CA GLU A 381 -3.03 -3.32 11.56
C GLU A 381 -3.63 -4.61 12.10
N GLY A 382 -3.47 -5.69 11.34
CA GLY A 382 -3.98 -7.00 11.70
C GLY A 382 -5.42 -7.24 11.33
N LYS A 383 -5.96 -6.43 10.42
CA LYS A 383 -7.29 -6.65 9.90
C LYS A 383 -7.37 -7.83 8.92
N GLU A 384 -8.55 -8.44 8.84
CA GLU A 384 -8.85 -9.50 7.87
C GLU A 384 -9.38 -8.80 6.64
N LEU A 385 -8.65 -8.86 5.53
CA LEU A 385 -9.06 -8.15 4.30
C LEU A 385 -10.01 -9.05 3.52
N PRO A 386 -11.21 -8.55 3.19
CA PRO A 386 -12.20 -9.39 2.51
C PRO A 386 -11.68 -10.11 1.26
N GLY A 387 -10.88 -9.40 0.47
CA GLY A 387 -10.29 -10.00 -0.73
C GLY A 387 -9.14 -10.97 -0.52
N VAL A 388 -8.65 -11.04 0.72
CA VAL A 388 -7.63 -12.00 1.11
C VAL A 388 -8.27 -13.23 1.77
N VAL A 389 -9.19 -13.00 2.69
N VAL A 389 -9.20 -13.02 2.69
CA VAL A 389 -9.89 -14.08 3.41
CA VAL A 389 -9.82 -14.14 3.41
C VAL A 389 -10.57 -15.06 2.46
C VAL A 389 -10.66 -15.06 2.52
N CYS A 390 -11.21 -14.53 1.44
CA CYS A 390 -11.97 -15.33 0.49
C CYS A 390 -11.05 -16.23 -0.36
N LEU A 391 -9.76 -15.95 -0.42
CA LEU A 391 -8.86 -16.82 -1.18
C LEU A 391 -8.77 -18.22 -0.54
N ASN A 392 -8.64 -19.21 -1.40
CA ASN A 392 -8.63 -20.62 -0.98
C ASN A 392 -7.30 -20.98 -0.33
N ASP A 393 -7.38 -21.81 0.70
CA ASP A 393 -6.23 -22.10 1.54
C ASP A 393 -5.41 -23.18 0.87
N LYS A 394 -4.09 -23.06 0.99
CA LYS A 394 -3.19 -24.05 0.45
C LYS A 394 -3.16 -25.22 1.43
#